data_5NII
#
_entry.id   5NII
#
_cell.length_a   66.387
_cell.length_b   148.161
_cell.length_c   152.886
_cell.angle_alpha   90.00
_cell.angle_beta   90.00
_cell.angle_gamma   90.00
#
_symmetry.space_group_name_H-M   'I 2 2 2'
#
loop_
_entity.id
_entity.type
_entity.pdbx_description
1 polymer 'Thioredoxin reductase'
2 non-polymer 'FLAVIN-ADENINE DINUCLEOTIDE'
3 non-polymer 'SODIUM ION'
4 non-polymer 'CHLORIDE ION'
5 non-polymer GLYCEROL
6 water water
#
_entity_poly.entity_id   1
_entity_poly.type   'polypeptide(L)'
_entity_poly.pdbx_seq_one_letter_code
;METRPLVIIGAGPAGLSAAVYTARAGIPTLVFGSAPKVAGDYDIDNYFGFDETITGRELIERGRRQAERFGAVLRDDRIL
GLHHGDDGGFRITTEAGETAACAIILATGVSRVRPGISNIADYEGKGVSYCVSCDGFFYRGLRVKVLGEGVFAANQALEL
LHYTPHVSICTQGKAASITPEFMTRLDEAGIAVDDRKIASLEGTPALSVLRYEDGSTEEAQGLFIAMGEASSLDFAYTLG
VERNGVFLGADSDQRTNIPGVFAAGDCTGGFLQIAVAVGEGAKAARAAISYIKEECPFATSRRNTTTES
;
_entity_poly.pdbx_strand_id   A,B
#
# COMPACT_ATOMS: atom_id res chain seq x y z
N THR A 3 -5.56 -30.93 -6.14
CA THR A 3 -6.01 -29.56 -5.91
C THR A 3 -4.87 -28.59 -6.23
N ARG A 4 -5.18 -27.54 -7.01
CA ARG A 4 -4.21 -26.47 -7.29
C ARG A 4 -3.89 -25.69 -6.02
N PRO A 5 -2.63 -25.26 -5.90
CA PRO A 5 -2.21 -24.47 -4.74
C PRO A 5 -2.81 -23.05 -4.71
N LEU A 6 -3.09 -22.45 -5.87
CA LEU A 6 -3.41 -21.03 -5.92
C LEU A 6 -4.23 -20.62 -7.12
N VAL A 7 -5.35 -19.95 -6.85
CA VAL A 7 -6.07 -19.25 -7.90
C VAL A 7 -6.17 -17.76 -7.56
N ILE A 8 -5.87 -16.93 -8.56
CA ILE A 8 -6.06 -15.51 -8.45
C ILE A 8 -7.28 -15.11 -9.28
N ILE A 9 -8.23 -14.43 -8.67
CA ILE A 9 -9.41 -14.00 -9.42
C ILE A 9 -9.29 -12.51 -9.64
N GLY A 10 -8.93 -12.15 -10.88
CA GLY A 10 -8.75 -10.76 -11.23
C GLY A 10 -7.49 -10.59 -12.05
N ALA A 11 -7.63 -9.94 -13.20
CA ALA A 11 -6.50 -9.77 -14.12
C ALA A 11 -6.27 -8.28 -14.40
N GLY A 12 -6.48 -7.48 -13.36
CA GLY A 12 -6.09 -6.08 -13.37
C GLY A 12 -4.76 -5.97 -12.62
N PRO A 13 -4.36 -4.74 -12.29
CA PRO A 13 -3.06 -4.49 -11.65
C PRO A 13 -2.84 -5.26 -10.36
N ALA A 14 -3.89 -5.44 -9.56
CA ALA A 14 -3.73 -6.16 -8.30
C ALA A 14 -3.47 -7.63 -8.52
N GLY A 15 -4.33 -8.30 -9.28
CA GLY A 15 -4.19 -9.72 -9.52
C GLY A 15 -2.90 -10.03 -10.31
N LEU A 16 -2.52 -9.15 -11.22
CA LEU A 16 -1.32 -9.38 -12.05
C LEU A 16 -0.04 -9.11 -11.29
N SER A 17 -0.02 -8.06 -10.48
CA SER A 17 1.13 -7.82 -9.65
C SER A 17 1.33 -9.05 -8.75
N ALA A 18 0.24 -9.58 -8.19
CA ALA A 18 0.33 -10.78 -7.33
C ALA A 18 0.78 -12.01 -8.11
N ALA A 19 0.27 -12.18 -9.32
CA ALA A 19 0.61 -13.31 -10.15
C ALA A 19 2.12 -13.30 -10.53
N VAL A 20 2.65 -12.12 -10.80
CA VAL A 20 4.09 -12.00 -11.09
C VAL A 20 4.92 -12.54 -9.93
N TYR A 21 4.58 -12.13 -8.71
CA TYR A 21 5.30 -12.58 -7.52
C TYR A 21 5.13 -14.05 -7.19
N THR A 22 3.91 -14.57 -7.29
CA THR A 22 3.72 -15.97 -6.91
C THR A 22 4.37 -16.86 -7.96
N ALA A 23 4.30 -16.48 -9.22
CA ALA A 23 4.84 -17.35 -10.26
C ALA A 23 6.36 -17.34 -10.19
N ARG A 24 6.95 -16.20 -9.83
CA ARG A 24 8.40 -16.14 -9.66
C ARG A 24 8.88 -16.94 -8.46
N ALA A 25 8.01 -17.15 -7.47
CA ALA A 25 8.42 -17.95 -6.33
C ALA A 25 8.21 -19.44 -6.59
N GLY A 26 7.90 -19.77 -7.84
CA GLY A 26 7.71 -21.15 -8.27
C GLY A 26 6.36 -21.79 -7.97
N ILE A 27 5.36 -20.98 -7.65
CA ILE A 27 4.03 -21.53 -7.38
C ILE A 27 3.21 -21.50 -8.64
N PRO A 28 2.75 -22.68 -9.10
CA PRO A 28 1.82 -22.74 -10.23
C PRO A 28 0.66 -21.79 -9.99
N THR A 29 0.51 -20.84 -10.90
CA THR A 29 -0.41 -19.72 -10.72
C THR A 29 -1.45 -19.69 -11.83
N LEU A 30 -2.71 -19.81 -11.45
CA LEU A 30 -3.81 -19.70 -12.39
C LEU A 30 -4.58 -18.41 -12.09
N VAL A 31 -4.67 -17.53 -13.07
CA VAL A 31 -5.39 -16.28 -12.93
C VAL A 31 -6.65 -16.33 -13.77
N PHE A 32 -7.80 -15.97 -13.18
CA PHE A 32 -9.04 -15.78 -13.93
C PHE A 32 -9.36 -14.29 -14.00
N GLY A 33 -9.75 -13.80 -15.17
CA GLY A 33 -10.17 -12.41 -15.29
C GLY A 33 -10.27 -12.00 -16.73
N SER A 34 -11.00 -10.93 -17.00
CA SER A 34 -11.02 -10.35 -18.35
C SER A 34 -10.41 -8.97 -18.29
N ALA A 35 -10.47 -8.24 -19.40
CA ALA A 35 -9.88 -6.92 -19.47
C ALA A 35 -10.51 -6.03 -18.41
N PRO A 36 -9.71 -5.41 -17.54
CA PRO A 36 -10.34 -4.49 -16.59
C PRO A 36 -10.85 -3.22 -17.27
N LYS A 37 -11.66 -2.43 -16.60
CA LYS A 37 -12.20 -1.20 -17.19
C LYS A 37 -11.11 -0.20 -17.57
N VAL A 38 -9.98 -0.24 -16.87
CA VAL A 38 -8.93 0.72 -17.13
C VAL A 38 -8.22 0.39 -18.45
N ALA A 39 -8.45 -0.82 -18.97
CA ALA A 39 -7.65 -1.31 -20.10
C ALA A 39 -8.23 -0.86 -21.45
N GLY A 40 -8.27 0.45 -21.65
CA GLY A 40 -8.75 1.02 -22.89
C GLY A 40 -7.94 2.25 -23.22
N ASP A 41 -8.52 3.14 -24.03
CA ASP A 41 -7.81 4.33 -24.43
C ASP A 41 -7.96 5.45 -23.44
N TYR A 42 -7.24 5.31 -22.34
CA TYR A 42 -7.19 6.30 -21.27
C TYR A 42 -5.72 6.53 -20.94
N ASP A 43 -5.33 7.79 -20.77
CA ASP A 43 -3.94 8.10 -20.45
C ASP A 43 -3.66 7.81 -18.99
N ILE A 44 -2.60 7.06 -18.74
CA ILE A 44 -2.14 6.85 -17.39
C ILE A 44 -0.88 7.69 -17.21
N ASP A 45 -0.90 8.62 -16.26
CA ASP A 45 0.22 9.54 -16.09
C ASP A 45 0.83 9.55 -14.69
N ASN A 46 0.19 8.87 -13.74
CA ASN A 46 0.61 8.96 -12.36
C ASN A 46 1.10 7.63 -11.79
N TYR A 47 1.41 6.68 -12.65
CA TYR A 47 1.94 5.39 -12.20
C TYR A 47 3.47 5.41 -12.27
N PHE A 48 4.12 5.24 -11.12
CA PHE A 48 5.57 5.40 -10.99
C PHE A 48 6.33 4.60 -12.02
N GLY A 49 7.26 5.27 -12.68
CA GLY A 49 8.20 4.59 -13.57
C GLY A 49 7.90 4.89 -15.03
N PHE A 50 6.74 5.53 -15.28
CA PHE A 50 6.36 5.86 -16.64
C PHE A 50 6.33 7.38 -16.81
N ASP A 51 7.47 7.92 -17.21
CA ASP A 51 7.59 9.35 -17.38
C ASP A 51 6.95 9.82 -18.70
N GLU A 52 6.62 8.88 -19.58
CA GLU A 52 5.81 9.19 -20.73
C GLU A 52 4.44 8.56 -20.58
N THR A 53 3.43 9.20 -21.15
CA THR A 53 2.06 8.72 -21.08
C THR A 53 1.95 7.31 -21.64
N ILE A 54 1.22 6.44 -20.96
CA ILE A 54 0.94 5.10 -21.46
C ILE A 54 -0.56 4.85 -21.35
N THR A 55 -1.18 4.13 -22.29
CA THR A 55 -2.62 3.88 -22.20
C THR A 55 -2.84 2.78 -21.18
N GLY A 56 -4.07 2.72 -20.65
CA GLY A 56 -4.40 1.68 -19.70
C GLY A 56 -4.32 0.35 -20.39
N ARG A 57 -4.78 0.29 -21.64
CA ARG A 57 -4.76 -0.95 -22.41
CA ARG A 57 -4.76 -0.97 -22.37
C ARG A 57 -3.33 -1.49 -22.50
N GLU A 58 -2.39 -0.61 -22.81
CA GLU A 58 -1.01 -1.04 -23.03
C GLU A 58 -0.34 -1.38 -21.68
N LEU A 59 -0.58 -0.59 -20.64
CA LEU A 59 0.00 -0.89 -19.32
C LEU A 59 -0.42 -2.26 -18.81
N ILE A 60 -1.72 -2.55 -18.95
CA ILE A 60 -2.25 -3.83 -18.50
C ILE A 60 -1.69 -4.97 -19.35
N GLU A 61 -1.57 -4.74 -20.65
CA GLU A 61 -1.04 -5.75 -21.54
C GLU A 61 0.41 -6.13 -21.17
N ARG A 62 1.23 -5.13 -20.80
CA ARG A 62 2.58 -5.39 -20.31
C ARG A 62 2.55 -6.18 -18.99
N GLY A 63 1.56 -5.88 -18.14
CA GLY A 63 1.40 -6.65 -16.91
C GLY A 63 1.13 -8.11 -17.20
N ARG A 64 0.29 -8.35 -18.21
CA ARG A 64 -0.08 -9.71 -18.59
C ARG A 64 1.15 -10.49 -19.13
N ARG A 65 1.89 -9.85 -20.03
CA ARG A 65 3.09 -10.49 -20.59
C ARG A 65 4.09 -10.73 -19.48
N GLN A 66 4.19 -9.79 -18.56
CA GLN A 66 5.07 -9.96 -17.39
C GLN A 66 4.69 -11.18 -16.54
N ALA A 67 3.40 -11.36 -16.27
CA ALA A 67 2.99 -12.51 -15.47
C ALA A 67 3.25 -13.83 -16.24
N GLU A 68 2.95 -13.86 -17.53
CA GLU A 68 3.16 -15.05 -18.34
C GLU A 68 4.65 -15.40 -18.48
N ARG A 69 5.50 -14.39 -18.50
CA ARG A 69 6.96 -14.53 -18.57
C ARG A 69 7.48 -15.45 -17.46
N PHE A 70 6.84 -15.43 -16.30
CA PHE A 70 7.28 -16.26 -15.19
C PHE A 70 6.34 -17.45 -14.94
N GLY A 71 5.52 -17.76 -15.94
CA GLY A 71 4.73 -18.96 -15.92
C GLY A 71 3.28 -18.90 -15.43
N ALA A 72 2.76 -17.71 -15.09
CA ALA A 72 1.32 -17.57 -14.73
C ALA A 72 0.47 -17.94 -15.93
N VAL A 73 -0.58 -18.73 -15.71
CA VAL A 73 -1.50 -19.03 -16.79
C VAL A 73 -2.73 -18.12 -16.61
N LEU A 74 -3.09 -17.37 -17.66
CA LEU A 74 -4.20 -16.41 -17.63
C LEU A 74 -5.39 -16.92 -18.41
N ARG A 75 -6.55 -17.01 -17.74
CA ARG A 75 -7.78 -17.52 -18.37
C ARG A 75 -8.86 -16.45 -18.36
N ASP A 76 -9.68 -16.42 -19.40
CA ASP A 76 -10.71 -15.39 -19.55
C ASP A 76 -12.05 -15.81 -18.92
N ASP A 77 -12.08 -17.00 -18.31
CA ASP A 77 -13.27 -17.56 -17.68
C ASP A 77 -13.79 -16.66 -16.55
N ARG A 78 -15.09 -16.42 -16.56
CA ARG A 78 -15.71 -15.69 -15.48
C ARG A 78 -16.06 -16.65 -14.33
N ILE A 79 -15.81 -16.21 -13.10
CA ILE A 79 -16.11 -17.01 -11.92
C ILE A 79 -17.58 -16.77 -11.52
N LEU A 80 -18.33 -17.82 -11.25
CA LEU A 80 -19.74 -17.69 -10.87
C LEU A 80 -19.93 -17.79 -9.36
N GLY A 81 -19.05 -18.53 -8.69
CA GLY A 81 -19.18 -18.71 -7.26
C GLY A 81 -17.91 -19.21 -6.61
N LEU A 82 -17.73 -18.87 -5.34
CA LEU A 82 -16.63 -19.42 -4.54
C LEU A 82 -17.17 -19.97 -3.24
N HIS A 83 -16.91 -21.25 -2.98
CA HIS A 83 -17.37 -21.87 -1.74
C HIS A 83 -16.26 -22.66 -1.05
N HIS A 84 -16.35 -22.78 0.27
CA HIS A 84 -15.46 -23.70 1.00
C HIS A 84 -15.67 -25.08 0.42
N GLY A 85 -14.57 -25.77 0.12
CA GLY A 85 -14.65 -27.10 -0.45
C GLY A 85 -15.07 -28.09 0.61
N ASP A 86 -15.54 -29.25 0.17
CA ASP A 86 -15.90 -30.27 1.14
C ASP A 86 -15.00 -31.49 1.04
N ASP A 87 -14.01 -31.56 1.94
CA ASP A 87 -13.66 -30.45 2.84
C ASP A 87 -12.22 -29.97 2.61
N GLY A 88 -11.95 -28.71 2.96
CA GLY A 88 -10.64 -28.12 2.78
C GLY A 88 -10.53 -27.37 1.45
N GLY A 89 -9.80 -26.26 1.46
CA GLY A 89 -9.57 -25.52 0.24
C GLY A 89 -10.86 -24.91 -0.27
N PHE A 90 -10.90 -24.57 -1.54
CA PHE A 90 -12.05 -23.85 -2.07
C PHE A 90 -12.53 -24.44 -3.38
N ARG A 91 -13.87 -24.43 -3.52
CA ARG A 91 -14.51 -24.90 -4.73
C ARG A 91 -14.81 -23.69 -5.60
N ILE A 92 -14.29 -23.71 -6.82
CA ILE A 92 -14.46 -22.60 -7.76
C ILE A 92 -15.40 -22.94 -8.89
N THR A 93 -16.54 -22.25 -8.94
CA THR A 93 -17.50 -22.48 -10.00
C THR A 93 -17.23 -21.52 -11.15
N THR A 94 -16.97 -22.07 -12.33
CA THR A 94 -16.85 -21.26 -13.53
C THR A 94 -17.94 -21.64 -14.52
N GLU A 95 -18.09 -20.85 -15.58
CA GLU A 95 -19.06 -21.15 -16.63
C GLU A 95 -18.80 -22.48 -17.30
N ALA A 96 -17.54 -22.93 -17.27
CA ALA A 96 -17.13 -24.15 -17.92
C ALA A 96 -17.35 -25.36 -17.04
N GLY A 97 -17.18 -25.17 -15.74
CA GLY A 97 -17.41 -26.25 -14.81
C GLY A 97 -16.95 -25.88 -13.42
N GLU A 98 -16.27 -26.83 -12.78
CA GLU A 98 -15.82 -26.64 -11.42
C GLU A 98 -14.34 -26.79 -11.36
N THR A 99 -13.72 -26.17 -10.38
CA THR A 99 -12.34 -26.51 -10.07
C THR A 99 -12.04 -26.11 -8.64
N ALA A 100 -10.83 -26.40 -8.21
CA ALA A 100 -10.54 -26.29 -6.79
C ALA A 100 -9.18 -25.70 -6.52
N ALA A 101 -9.05 -25.06 -5.36
CA ALA A 101 -7.83 -24.38 -5.03
C ALA A 101 -7.60 -24.30 -3.54
N CYS A 102 -6.34 -24.36 -3.17
CA CYS A 102 -5.99 -24.35 -1.78
C CYS A 102 -5.97 -22.95 -1.21
N ALA A 103 -5.61 -21.97 -2.04
CA ALA A 103 -5.59 -20.58 -1.59
C ALA A 103 -6.11 -19.65 -2.69
N ILE A 104 -6.76 -18.58 -2.28
CA ILE A 104 -7.43 -17.67 -3.22
C ILE A 104 -6.97 -16.27 -2.97
N ILE A 105 -6.59 -15.58 -4.05
CA ILE A 105 -6.39 -14.16 -3.96
C ILE A 105 -7.53 -13.44 -4.68
N LEU A 106 -8.32 -12.69 -3.92
CA LEU A 106 -9.44 -11.93 -4.49
C LEU A 106 -8.99 -10.55 -4.94
N ALA A 107 -9.03 -10.32 -6.25
CA ALA A 107 -8.56 -9.07 -6.83
C ALA A 107 -9.55 -8.61 -7.89
N THR A 108 -10.84 -8.64 -7.56
CA THR A 108 -11.88 -8.43 -8.57
C THR A 108 -12.36 -7.00 -8.73
N GLY A 109 -11.73 -6.03 -8.08
CA GLY A 109 -12.06 -4.63 -8.34
C GLY A 109 -13.42 -4.22 -7.79
N VAL A 110 -13.87 -3.03 -8.12
CA VAL A 110 -15.15 -2.58 -7.56
C VAL A 110 -16.19 -2.27 -8.62
N SER A 111 -15.96 -2.70 -9.85
CA SER A 111 -16.94 -2.48 -10.92
C SER A 111 -18.21 -3.29 -10.64
N ARG A 112 -19.37 -2.64 -10.70
CA ARG A 112 -20.63 -3.28 -10.33
C ARG A 112 -21.81 -2.75 -11.14
N VAL A 113 -22.51 -3.64 -11.87
CA VAL A 113 -23.81 -3.31 -12.41
C VAL A 113 -24.80 -3.12 -11.25
N ARG A 114 -25.56 -2.02 -11.26
CA ARG A 114 -26.49 -1.72 -10.16
C ARG A 114 -27.94 -2.10 -10.53
N PRO A 115 -28.77 -2.43 -9.51
CA PRO A 115 -30.10 -2.95 -9.80
C PRO A 115 -31.10 -1.90 -10.33
N GLY A 116 -30.99 -0.64 -9.91
CA GLY A 116 -31.90 0.36 -10.43
C GLY A 116 -33.34 0.17 -9.95
N ILE A 117 -33.52 -0.01 -8.67
CA ILE A 117 -34.85 -0.12 -8.06
C ILE A 117 -34.92 0.92 -6.96
N SER A 118 -35.81 1.89 -7.12
CA SER A 118 -35.84 3.06 -6.25
C SER A 118 -35.84 2.80 -4.75
N ASN A 119 -36.57 1.77 -4.28
CA ASN A 119 -36.72 1.57 -2.83
C ASN A 119 -36.19 0.22 -2.36
N ILE A 120 -35.20 -0.29 -3.07
CA ILE A 120 -34.65 -1.59 -2.77
C ILE A 120 -34.16 -1.67 -1.31
N ALA A 121 -33.64 -0.57 -0.77
CA ALA A 121 -33.07 -0.59 0.58
C ALA A 121 -34.14 -0.88 1.65
N ASP A 122 -35.37 -0.42 1.41
CA ASP A 122 -36.49 -0.66 2.30
C ASP A 122 -36.78 -2.15 2.48
N TYR A 123 -36.31 -2.97 1.54
CA TYR A 123 -36.67 -4.39 1.62
C TYR A 123 -35.47 -5.34 1.86
N GLU A 124 -34.31 -4.77 2.18
CA GLU A 124 -33.14 -5.56 2.58
C GLU A 124 -33.42 -6.31 3.88
N GLY A 125 -33.24 -7.63 3.87
CA GLY A 125 -33.61 -8.45 5.01
C GLY A 125 -35.10 -8.83 5.00
N LYS A 126 -35.89 -8.12 4.20
CA LYS A 126 -37.34 -8.38 4.12
C LYS A 126 -37.83 -8.76 2.72
N GLY A 127 -37.08 -9.59 1.99
CA GLY A 127 -37.45 -9.94 0.64
C GLY A 127 -36.31 -9.87 -0.37
N VAL A 128 -35.50 -8.82 -0.28
CA VAL A 128 -34.33 -8.67 -1.14
C VAL A 128 -33.14 -9.39 -0.53
N SER A 129 -32.59 -10.38 -1.22
CA SER A 129 -31.44 -11.13 -0.73
C SER A 129 -30.34 -11.16 -1.77
N TYR A 130 -29.17 -11.69 -1.40
CA TYR A 130 -27.98 -11.73 -2.28
C TYR A 130 -27.39 -13.12 -2.34
N CYS A 131 -27.26 -13.76 -1.17
CA CYS A 131 -26.58 -15.03 -1.12
C CYS A 131 -27.59 -16.16 -1.09
N VAL A 132 -27.50 -17.02 -2.09
CA VAL A 132 -28.46 -18.10 -2.25
C VAL A 132 -28.26 -19.19 -1.20
N SER A 133 -27.03 -19.62 -0.96
CA SER A 133 -26.79 -20.68 0.03
C SER A 133 -27.18 -20.18 1.43
N CYS A 134 -27.14 -18.86 1.57
CA CYS A 134 -27.33 -18.17 2.83
C CYS A 134 -28.82 -18.08 3.17
N ASP A 135 -29.60 -17.61 2.20
CA ASP A 135 -30.99 -17.24 2.39
C ASP A 135 -31.98 -18.10 1.64
N GLY A 136 -31.51 -18.99 0.78
CA GLY A 136 -32.40 -19.77 -0.08
C GLY A 136 -33.45 -20.53 0.73
N PHE A 137 -33.03 -21.12 1.84
CA PHE A 137 -33.95 -21.96 2.59
C PHE A 137 -35.17 -21.19 3.13
N PHE A 138 -34.98 -19.92 3.46
CA PHE A 138 -36.08 -19.12 3.96
C PHE A 138 -37.20 -18.94 2.92
N TYR A 139 -36.86 -19.00 1.63
CA TYR A 139 -37.87 -18.82 0.59
C TYR A 139 -38.30 -20.13 -0.06
N ARG A 140 -38.03 -21.25 0.60
CA ARG A 140 -38.35 -22.55 0.03
C ARG A 140 -39.83 -22.64 -0.35
N GLY A 141 -40.11 -23.23 -1.51
CA GLY A 141 -41.46 -23.34 -2.00
C GLY A 141 -42.12 -22.07 -2.50
N LEU A 142 -41.44 -20.93 -2.32
CA LEU A 142 -42.02 -19.62 -2.62
C LEU A 142 -41.70 -19.11 -4.02
N ARG A 143 -42.35 -18.02 -4.42
CA ARG A 143 -42.11 -17.40 -5.72
C ARG A 143 -40.97 -16.38 -5.62
N VAL A 144 -39.93 -16.67 -6.37
CA VAL A 144 -38.67 -15.94 -6.26
C VAL A 144 -38.28 -15.39 -7.63
N LYS A 145 -37.89 -14.12 -7.67
CA LYS A 145 -37.41 -13.48 -8.89
C LYS A 145 -35.89 -13.27 -8.77
N VAL A 146 -35.13 -13.60 -9.82
CA VAL A 146 -33.71 -13.26 -9.82
C VAL A 146 -33.55 -12.04 -10.70
N LEU A 147 -32.88 -11.01 -10.18
CA LEU A 147 -32.64 -9.79 -10.94
C LEU A 147 -31.24 -9.81 -11.56
N GLY A 148 -31.18 -9.85 -12.89
CA GLY A 148 -29.88 -9.83 -13.57
C GLY A 148 -29.96 -10.31 -14.99
N GLU A 149 -28.92 -10.02 -15.76
CA GLU A 149 -28.98 -10.18 -17.21
C GLU A 149 -27.99 -11.23 -17.73
N GLY A 150 -27.10 -11.71 -16.88
CA GLY A 150 -25.97 -12.50 -17.33
C GLY A 150 -25.94 -13.94 -16.89
N VAL A 151 -24.82 -14.61 -17.15
CA VAL A 151 -24.67 -15.99 -16.74
C VAL A 151 -24.71 -16.13 -15.23
N PHE A 152 -24.18 -15.13 -14.53
CA PHE A 152 -24.29 -15.11 -13.07
C PHE A 152 -25.75 -15.22 -12.62
N ALA A 153 -26.62 -14.40 -13.20
CA ALA A 153 -28.05 -14.46 -12.87
C ALA A 153 -28.60 -15.84 -13.17
N ALA A 154 -28.22 -16.36 -14.33
CA ALA A 154 -28.70 -17.66 -14.75
C ALA A 154 -28.27 -18.75 -13.77
N ASN A 155 -27.02 -18.69 -13.31
CA ASN A 155 -26.54 -19.72 -12.36
C ASN A 155 -27.20 -19.57 -10.97
N GLN A 156 -27.45 -18.33 -10.56
CA GLN A 156 -28.11 -18.10 -9.27
C GLN A 156 -29.52 -18.68 -9.27
N ALA A 157 -30.17 -18.57 -10.42
CA ALA A 157 -31.53 -19.04 -10.61
C ALA A 157 -31.56 -20.55 -10.54
N LEU A 158 -30.58 -21.18 -11.18
CA LEU A 158 -30.48 -22.64 -11.15
C LEU A 158 -30.19 -23.16 -9.73
N GLU A 159 -29.36 -22.44 -8.97
CA GLU A 159 -29.09 -22.81 -7.58
C GLU A 159 -30.36 -22.72 -6.75
N LEU A 160 -31.18 -21.71 -7.05
CA LEU A 160 -32.38 -21.45 -6.28
C LEU A 160 -33.36 -22.62 -6.36
N LEU A 161 -33.27 -23.36 -7.46
CA LEU A 161 -34.08 -24.55 -7.68
C LEU A 161 -33.91 -25.59 -6.58
N HIS A 162 -32.80 -25.54 -5.85
CA HIS A 162 -32.62 -26.40 -4.71
C HIS A 162 -33.69 -26.09 -3.63
N TYR A 163 -34.29 -24.90 -3.68
CA TYR A 163 -35.22 -24.48 -2.63
C TYR A 163 -36.63 -24.29 -3.12
N THR A 164 -36.80 -23.89 -4.37
CA THR A 164 -38.13 -23.66 -4.92
C THR A 164 -38.12 -23.93 -6.41
N PRO A 165 -39.21 -24.52 -6.93
CA PRO A 165 -39.34 -24.68 -8.39
C PRO A 165 -39.77 -23.38 -9.05
N HIS A 166 -40.18 -22.41 -8.24
CA HIS A 166 -40.81 -21.20 -8.75
C HIS A 166 -39.82 -20.06 -8.88
N VAL A 167 -38.99 -20.14 -9.93
CA VAL A 167 -37.93 -19.18 -10.16
C VAL A 167 -38.06 -18.59 -11.56
N SER A 168 -37.88 -17.27 -11.65
CA SER A 168 -37.76 -16.65 -12.95
C SER A 168 -36.72 -15.52 -12.89
N ILE A 169 -36.31 -15.06 -14.07
CA ILE A 169 -35.28 -14.05 -14.17
C ILE A 169 -35.83 -12.80 -14.86
N CYS A 170 -35.56 -11.64 -14.29
CA CYS A 170 -35.84 -10.34 -14.91
C CYS A 170 -34.50 -9.65 -15.22
N THR A 171 -34.25 -9.33 -16.48
CA THR A 171 -32.98 -8.67 -16.82
C THR A 171 -33.01 -7.16 -16.65
N GLN A 172 -34.06 -6.63 -16.04
CA GLN A 172 -34.10 -5.23 -15.62
C GLN A 172 -33.86 -4.28 -16.81
N GLY A 173 -34.50 -4.60 -17.92
CA GLY A 173 -34.48 -3.76 -19.11
C GLY A 173 -33.26 -3.97 -19.96
N LYS A 174 -32.32 -4.79 -19.48
CA LYS A 174 -31.07 -4.99 -20.21
C LYS A 174 -31.17 -6.14 -21.21
N ALA A 175 -30.25 -6.17 -22.17
CA ALA A 175 -30.12 -7.32 -23.03
C ALA A 175 -29.51 -8.50 -22.23
N ALA A 176 -30.08 -9.69 -22.37
CA ALA A 176 -29.50 -10.84 -21.71
C ALA A 176 -28.17 -11.20 -22.35
N SER A 177 -27.20 -11.62 -21.51
CA SER A 177 -25.91 -12.09 -22.01
C SER A 177 -25.68 -13.52 -21.50
N ILE A 178 -26.77 -14.24 -21.32
CA ILE A 178 -26.75 -15.64 -20.91
C ILE A 178 -26.35 -16.48 -22.12
N THR A 179 -25.35 -17.36 -21.97
CA THR A 179 -24.87 -18.15 -23.09
C THR A 179 -25.89 -19.21 -23.49
N PRO A 180 -25.81 -19.75 -24.72
CA PRO A 180 -26.82 -20.74 -25.11
C PRO A 180 -26.82 -22.00 -24.23
N GLU A 181 -25.65 -22.38 -23.68
CA GLU A 181 -25.59 -23.54 -22.80
C GLU A 181 -26.35 -23.28 -21.49
N PHE A 182 -26.27 -22.07 -20.96
CA PHE A 182 -27.05 -21.79 -19.77
C PHE A 182 -28.52 -21.63 -20.12
N MET A 183 -28.82 -21.11 -21.32
CA MET A 183 -30.22 -20.93 -21.72
C MET A 183 -30.93 -22.27 -21.81
N THR A 184 -30.22 -23.25 -22.34
CA THR A 184 -30.70 -24.62 -22.40
C THR A 184 -31.06 -25.09 -21.00
N ARG A 185 -30.11 -24.97 -20.08
CA ARG A 185 -30.35 -25.38 -18.70
C ARG A 185 -31.57 -24.67 -18.09
N LEU A 186 -31.74 -23.38 -18.39
CA LEU A 186 -32.88 -22.63 -17.84
C LEU A 186 -34.18 -23.15 -18.42
N ASP A 187 -34.20 -23.34 -19.74
CA ASP A 187 -35.39 -23.86 -20.42
C ASP A 187 -35.82 -25.20 -19.85
N GLU A 188 -34.85 -26.11 -19.66
CA GLU A 188 -35.10 -27.46 -19.14
C GLU A 188 -35.68 -27.40 -17.74
N ALA A 189 -35.34 -26.37 -17.00
CA ALA A 189 -35.79 -26.20 -15.63
C ALA A 189 -37.08 -25.38 -15.55
N GLY A 190 -37.55 -24.84 -16.66
CA GLY A 190 -38.79 -24.08 -16.62
C GLY A 190 -38.61 -22.69 -16.06
N ILE A 191 -37.36 -22.22 -16.04
CA ILE A 191 -37.06 -20.87 -15.58
C ILE A 191 -37.16 -19.87 -16.75
N ALA A 192 -38.14 -18.97 -16.66
CA ALA A 192 -38.33 -17.96 -17.68
C ALA A 192 -37.41 -16.76 -17.51
N VAL A 193 -37.12 -16.09 -18.62
CA VAL A 193 -36.30 -14.88 -18.66
C VAL A 193 -37.04 -13.80 -19.42
N ASP A 194 -37.18 -12.61 -18.86
CA ASP A 194 -37.67 -11.50 -19.66
C ASP A 194 -36.95 -10.22 -19.29
N ASP A 195 -37.18 -9.18 -20.08
CA ASP A 195 -36.46 -7.94 -19.90
C ASP A 195 -37.36 -6.83 -19.39
N ARG A 196 -38.39 -7.17 -18.63
CA ARG A 196 -39.20 -6.16 -17.98
C ARG A 196 -38.33 -5.36 -17.01
N LYS A 197 -38.76 -4.17 -16.66
CA LYS A 197 -37.98 -3.31 -15.78
C LYS A 197 -38.76 -3.01 -14.51
N ILE A 198 -38.26 -3.50 -13.38
CA ILE A 198 -38.86 -3.25 -12.07
C ILE A 198 -38.58 -1.82 -11.60
N ALA A 199 -39.63 -1.06 -11.29
CA ALA A 199 -39.44 0.31 -10.84
C ALA A 199 -39.35 0.41 -9.31
N SER A 200 -40.15 -0.39 -8.63
CA SER A 200 -40.20 -0.35 -7.17
C SER A 200 -40.76 -1.65 -6.60
N LEU A 201 -40.68 -1.82 -5.28
CA LEU A 201 -41.11 -3.04 -4.62
C LEU A 201 -42.29 -2.70 -3.71
N GLU A 202 -43.14 -3.67 -3.41
CA GLU A 202 -44.30 -3.41 -2.54
C GLU A 202 -44.57 -4.59 -1.61
N GLY A 203 -45.31 -4.32 -0.54
CA GLY A 203 -45.60 -5.31 0.48
C GLY A 203 -45.33 -4.71 1.84
N THR A 204 -46.13 -5.10 2.84
CA THR A 204 -46.21 -4.28 4.06
C THR A 204 -45.38 -4.76 5.23
N PRO A 205 -45.51 -6.04 5.64
CA PRO A 205 -44.39 -6.39 6.52
C PRO A 205 -43.15 -6.77 5.67
N ALA A 206 -43.36 -7.60 4.65
CA ALA A 206 -42.26 -7.96 3.76
C ALA A 206 -42.67 -7.80 2.29
N LEU A 207 -41.74 -8.14 1.39
CA LEU A 207 -41.93 -8.06 -0.05
C LEU A 207 -43.04 -8.97 -0.51
N SER A 208 -43.94 -8.48 -1.34
CA SER A 208 -44.91 -9.40 -1.91
C SER A 208 -45.21 -9.07 -3.37
N VAL A 209 -44.91 -7.84 -3.77
CA VAL A 209 -45.24 -7.41 -5.11
C VAL A 209 -44.09 -6.62 -5.79
N LEU A 210 -43.82 -6.96 -7.05
CA LEU A 210 -42.89 -6.20 -7.88
C LEU A 210 -43.70 -5.25 -8.74
N ARG A 211 -43.39 -3.96 -8.67
CA ARG A 211 -44.03 -2.95 -9.51
C ARG A 211 -43.17 -2.59 -10.73
N TYR A 212 -43.60 -2.99 -11.91
CA TYR A 212 -42.89 -2.69 -13.14
C TYR A 212 -43.12 -1.25 -13.56
N GLU A 213 -42.17 -0.72 -14.33
CA GLU A 213 -42.25 0.69 -14.73
C GLU A 213 -43.50 0.94 -15.57
N ASP A 214 -44.04 -0.13 -16.13
CA ASP A 214 -45.40 -0.18 -16.70
C ASP A 214 -46.52 0.28 -15.78
N GLY A 215 -46.40 -0.06 -14.51
CA GLY A 215 -47.49 -0.02 -13.56
C GLY A 215 -48.07 -1.41 -13.39
N SER A 216 -47.68 -2.34 -14.26
CA SER A 216 -48.06 -3.74 -14.12
C SER A 216 -47.32 -4.35 -12.93
N THR A 217 -47.79 -5.51 -12.46
CA THR A 217 -47.25 -6.08 -11.24
C THR A 217 -47.06 -7.60 -11.33
N GLU A 218 -46.15 -8.14 -10.54
CA GLU A 218 -46.00 -9.58 -10.42
C GLU A 218 -45.78 -9.93 -8.95
N GLU A 219 -46.31 -11.06 -8.51
CA GLU A 219 -46.13 -11.46 -7.12
C GLU A 219 -44.82 -12.21 -6.93
N ALA A 220 -44.07 -11.80 -5.92
CA ALA A 220 -42.82 -12.47 -5.55
C ALA A 220 -42.58 -12.20 -4.10
N GLN A 221 -42.11 -13.19 -3.36
CA GLN A 221 -41.74 -12.97 -1.97
C GLN A 221 -40.23 -12.93 -1.79
N GLY A 222 -39.50 -13.23 -2.87
CA GLY A 222 -38.05 -13.24 -2.83
C GLY A 222 -37.55 -12.53 -4.06
N LEU A 223 -36.54 -11.67 -3.88
CA LEU A 223 -35.86 -11.04 -5.00
C LEU A 223 -34.37 -11.14 -4.79
N PHE A 224 -33.70 -11.96 -5.59
CA PHE A 224 -32.26 -12.18 -5.44
C PHE A 224 -31.51 -11.36 -6.46
N ILE A 225 -30.66 -10.47 -5.98
CA ILE A 225 -29.97 -9.54 -6.84
C ILE A 225 -28.70 -10.22 -7.38
N ALA A 226 -28.59 -10.31 -8.71
CA ALA A 226 -27.44 -10.93 -9.37
C ALA A 226 -27.12 -10.23 -10.71
N MET A 227 -26.92 -8.92 -10.67
CA MET A 227 -26.64 -8.12 -11.88
C MET A 227 -25.20 -8.30 -12.36
N GLY A 228 -24.96 -8.13 -13.66
CA GLY A 228 -23.60 -8.17 -14.20
C GLY A 228 -22.82 -9.44 -13.88
N GLU A 229 -21.58 -9.28 -13.39
CA GLU A 229 -20.72 -10.40 -13.01
C GLU A 229 -20.75 -10.61 -11.50
N ALA A 230 -20.48 -11.85 -11.06
CA ALA A 230 -20.29 -12.08 -9.64
C ALA A 230 -19.15 -11.18 -9.18
N SER A 231 -19.34 -10.58 -8.01
CA SER A 231 -18.45 -9.54 -7.51
C SER A 231 -17.80 -9.97 -6.23
N SER A 232 -16.93 -9.11 -5.71
CA SER A 232 -16.22 -9.43 -4.49
C SER A 232 -17.21 -9.64 -3.35
N LEU A 233 -18.26 -8.84 -3.31
CA LEU A 233 -19.25 -8.98 -2.26
C LEU A 233 -19.95 -10.34 -2.34
N ASP A 234 -20.33 -10.75 -3.54
CA ASP A 234 -20.99 -12.04 -3.74
C ASP A 234 -20.17 -13.20 -3.21
N PHE A 235 -18.87 -13.18 -3.53
CA PHE A 235 -17.94 -14.17 -2.99
C PHE A 235 -17.83 -14.07 -1.49
N ALA A 236 -17.85 -12.84 -0.97
CA ALA A 236 -17.69 -12.64 0.46
C ALA A 236 -18.84 -13.32 1.20
N TYR A 237 -20.04 -13.23 0.64
CA TYR A 237 -21.21 -13.80 1.31
C TYR A 237 -21.10 -15.32 1.43
N THR A 238 -20.61 -15.99 0.38
CA THR A 238 -20.54 -17.44 0.42
C THR A 238 -19.32 -17.98 1.17
N LEU A 239 -18.25 -17.19 1.25
CA LEU A 239 -17.04 -17.62 1.96
C LEU A 239 -17.10 -17.19 3.44
N GLY A 240 -17.92 -16.19 3.73
CA GLY A 240 -17.98 -15.61 5.06
C GLY A 240 -16.88 -14.60 5.32
N VAL A 241 -16.38 -13.97 4.25
CA VAL A 241 -15.37 -12.94 4.41
C VAL A 241 -15.97 -11.66 4.97
N GLU A 242 -15.39 -11.15 6.04
CA GLU A 242 -15.90 -9.92 6.68
C GLU A 242 -15.73 -8.70 5.80
N ARG A 243 -16.73 -7.84 5.83
CA ARG A 243 -16.76 -6.66 4.99
C ARG A 243 -16.41 -5.44 5.78
N ASN A 244 -16.00 -4.41 5.06
CA ASN A 244 -15.78 -3.08 5.60
C ASN A 244 -16.57 -2.13 4.72
N GLY A 245 -17.84 -1.91 5.08
CA GLY A 245 -18.73 -1.16 4.21
C GLY A 245 -18.97 -1.99 2.96
N VAL A 246 -18.87 -1.39 1.78
CA VAL A 246 -18.97 -2.17 0.54
C VAL A 246 -17.66 -2.85 0.10
N PHE A 247 -16.61 -2.78 0.92
CA PHE A 247 -15.30 -3.37 0.58
C PHE A 247 -14.98 -4.62 1.38
N LEU A 248 -14.01 -5.42 0.91
CA LEU A 248 -13.55 -6.56 1.72
C LEU A 248 -12.59 -6.08 2.81
N GLY A 249 -12.74 -6.60 4.02
CA GLY A 249 -11.79 -6.29 5.07
C GLY A 249 -10.47 -7.00 4.81
N ALA A 250 -9.36 -6.31 5.04
CA ALA A 250 -8.03 -6.90 4.85
C ALA A 250 -7.05 -6.28 5.83
N ASP A 251 -6.16 -7.08 6.43
CA ASP A 251 -5.17 -6.46 7.30
C ASP A 251 -4.02 -5.94 6.41
N SER A 252 -2.96 -5.43 7.02
CA SER A 252 -1.89 -4.77 6.29
C SER A 252 -1.14 -5.73 5.36
N ASP A 253 -1.32 -7.03 5.60
CA ASP A 253 -0.78 -8.08 4.75
C ASP A 253 -1.80 -8.72 3.81
N GLN A 254 -2.95 -8.06 3.68
CA GLN A 254 -4.01 -8.46 2.73
C GLN A 254 -4.73 -9.77 3.11
N ARG A 255 -4.64 -10.16 4.36
CA ARG A 255 -5.35 -11.34 4.84
C ARG A 255 -6.78 -10.97 5.21
N THR A 256 -7.74 -11.79 4.80
CA THR A 256 -9.10 -11.69 5.32
C THR A 256 -9.18 -12.51 6.62
N ASN A 257 -10.37 -12.59 7.20
CA ASN A 257 -10.65 -13.40 8.38
C ASN A 257 -10.73 -14.88 8.03
N ILE A 258 -10.84 -15.20 6.76
CA ILE A 258 -10.85 -16.58 6.31
C ILE A 258 -9.44 -16.99 5.91
N PRO A 259 -8.93 -18.05 6.55
CA PRO A 259 -7.63 -18.60 6.18
C PRO A 259 -7.58 -19.03 4.73
N GLY A 260 -6.49 -18.69 4.06
CA GLY A 260 -6.32 -19.06 2.68
C GLY A 260 -7.00 -18.11 1.70
N VAL A 261 -7.70 -17.09 2.21
CA VAL A 261 -8.33 -16.07 1.36
C VAL A 261 -7.73 -14.70 1.61
N PHE A 262 -7.13 -14.14 0.55
CA PHE A 262 -6.48 -12.82 0.60
C PHE A 262 -7.24 -11.84 -0.30
N ALA A 263 -7.11 -10.54 -0.04
CA ALA A 263 -7.84 -9.58 -0.86
C ALA A 263 -6.92 -8.42 -1.19
N ALA A 264 -6.98 -7.95 -2.44
CA ALA A 264 -6.09 -6.87 -2.87
C ALA A 264 -6.67 -5.99 -3.96
N GLY A 265 -6.37 -4.69 -3.89
CA GLY A 265 -6.71 -3.77 -4.97
C GLY A 265 -7.96 -2.99 -4.61
N ASP A 266 -8.74 -2.59 -5.62
CA ASP A 266 -9.94 -1.74 -5.41
C ASP A 266 -10.95 -2.40 -4.46
N CYS A 267 -11.06 -3.73 -4.51
CA CYS A 267 -12.08 -4.40 -3.70
C CYS A 267 -11.87 -4.28 -2.18
N THR A 268 -10.67 -3.87 -1.74
CA THR A 268 -10.43 -3.59 -0.29
C THR A 268 -10.61 -2.12 0.04
N GLY A 269 -11.06 -1.37 -0.97
CA GLY A 269 -11.28 0.06 -0.96
C GLY A 269 -10.61 1.10 -0.09
N GLY A 270 -9.42 1.56 -0.44
CA GLY A 270 -9.00 2.85 0.06
C GLY A 270 -8.80 3.83 -1.08
N PHE A 271 -7.54 4.13 -1.38
CA PHE A 271 -7.21 4.98 -2.52
C PHE A 271 -7.24 4.09 -3.75
N LEU A 272 -8.22 4.31 -4.61
CA LEU A 272 -8.49 3.42 -5.73
C LEU A 272 -7.65 3.81 -6.96
N GLN A 273 -6.38 3.39 -6.90
CA GLN A 273 -5.36 3.74 -7.93
C GLN A 273 -4.52 2.50 -8.28
N ILE A 274 -3.97 2.51 -9.48
CA ILE A 274 -3.00 1.50 -9.92
C ILE A 274 -1.83 1.28 -8.95
N ALA A 275 -1.17 2.37 -8.55
CA ALA A 275 -0.03 2.30 -7.62
C ALA A 275 -0.40 1.55 -6.36
N VAL A 276 -1.61 1.84 -5.86
CA VAL A 276 -2.06 1.22 -4.62
C VAL A 276 -2.35 -0.26 -4.83
N ALA A 277 -3.06 -0.57 -5.90
CA ALA A 277 -3.37 -1.96 -6.28
C ALA A 277 -2.12 -2.82 -6.47
N VAL A 278 -1.09 -2.24 -7.09
CA VAL A 278 0.14 -2.99 -7.36
C VAL A 278 0.83 -3.34 -6.05
N GLY A 279 0.89 -2.42 -5.08
CA GLY A 279 1.47 -2.75 -3.79
C GLY A 279 0.66 -3.78 -2.99
N GLU A 280 -0.68 -3.73 -3.10
CA GLU A 280 -1.52 -4.66 -2.36
C GLU A 280 -1.38 -6.04 -2.96
N GLY A 281 -1.26 -6.10 -4.28
CA GLY A 281 -1.06 -7.35 -4.98
C GLY A 281 0.26 -7.99 -4.55
N ALA A 282 1.30 -7.18 -4.39
CA ALA A 282 2.59 -7.71 -3.97
C ALA A 282 2.51 -8.27 -2.54
N LYS A 283 1.94 -7.49 -1.62
CA LYS A 283 1.77 -7.92 -0.24
C LYS A 283 0.90 -9.17 -0.15
N ALA A 284 -0.14 -9.27 -0.97
CA ALA A 284 -1.01 -10.45 -0.94
C ALA A 284 -0.25 -11.69 -1.38
N ALA A 285 0.60 -11.52 -2.39
CA ALA A 285 1.44 -12.59 -2.88
C ALA A 285 2.37 -13.13 -1.79
N ARG A 286 3.02 -12.22 -1.07
CA ARG A 286 3.92 -12.62 0.01
C ARG A 286 3.17 -13.43 1.06
N ALA A 287 1.94 -13.01 1.34
CA ALA A 287 1.17 -13.68 2.38
C ALA A 287 0.70 -15.03 1.88
N ALA A 288 0.30 -15.08 0.62
CA ALA A 288 -0.14 -16.32 -0.01
C ALA A 288 1.00 -17.33 -0.11
N ILE A 289 2.16 -16.87 -0.56
CA ILE A 289 3.34 -17.75 -0.70
C ILE A 289 3.67 -18.43 0.64
N SER A 290 3.69 -17.70 1.74
CA SER A 290 4.02 -18.33 3.00
C SER A 290 2.87 -19.20 3.48
N TYR A 291 1.63 -18.79 3.18
CA TYR A 291 0.47 -19.62 3.53
C TYR A 291 0.57 -20.95 2.81
N ILE A 292 0.90 -20.90 1.51
CA ILE A 292 0.92 -22.09 0.66
C ILE A 292 2.03 -23.04 1.12
N LYS A 293 3.18 -22.48 1.47
CA LYS A 293 4.32 -23.30 1.93
C LYS A 293 3.99 -24.07 3.22
N GLU A 294 3.21 -23.47 4.11
CA GLU A 294 2.77 -24.17 5.31
C GLU A 294 1.58 -25.11 5.08
N GLU A 295 0.68 -24.76 4.16
CA GLU A 295 -0.59 -25.46 4.03
C GLU A 295 -0.84 -26.25 2.73
N CYS A 296 -0.20 -25.90 1.62
CA CYS A 296 -0.57 -26.51 0.33
C CYS A 296 0.62 -27.10 -0.42
N PRO A 297 0.75 -28.44 -0.40
CA PRO A 297 1.94 -29.14 -0.96
C PRO A 297 2.08 -29.02 -2.48
N PHE A 298 0.96 -28.93 -3.21
CA PHE A 298 0.84 -28.64 -4.68
C PHE A 298 0.03 -29.74 -5.36
N THR B 3 8.00 25.31 -1.35
CA THR B 3 8.84 25.12 -0.15
C THR B 3 8.02 25.01 1.15
N ARG B 4 6.91 25.73 1.25
CA ARG B 4 6.15 25.83 2.50
CA ARG B 4 6.14 25.84 2.49
C ARG B 4 5.06 24.78 2.68
N PRO B 5 4.24 24.50 1.66
CA PRO B 5 3.23 23.49 2.01
C PRO B 5 3.76 22.06 2.22
N LEU B 6 4.81 21.63 1.51
CA LEU B 6 5.17 20.22 1.58
C LEU B 6 6.63 19.91 1.27
N VAL B 7 7.27 19.10 2.11
CA VAL B 7 8.57 18.53 1.69
C VAL B 7 8.48 17.02 1.75
N ILE B 8 9.12 16.39 0.77
CA ILE B 8 9.19 14.94 0.73
C ILE B 8 10.63 14.51 0.91
N ILE B 9 10.89 13.70 1.94
CA ILE B 9 12.24 13.27 2.26
C ILE B 9 12.48 11.89 1.73
N GLY B 10 13.02 11.83 0.52
CA GLY B 10 13.29 10.57 -0.14
C GLY B 10 13.02 10.65 -1.64
N ALA B 11 14.02 10.26 -2.46
CA ALA B 11 13.84 10.28 -3.92
C ALA B 11 13.97 8.88 -4.46
N GLY B 12 13.49 7.92 -3.66
CA GLY B 12 13.32 6.56 -4.14
C GLY B 12 11.88 6.41 -4.61
N PRO B 13 11.44 5.19 -4.88
CA PRO B 13 10.10 4.88 -5.38
C PRO B 13 8.99 5.42 -4.50
N ALA B 14 9.13 5.36 -3.18
CA ALA B 14 8.05 5.86 -2.31
C ALA B 14 7.96 7.40 -2.39
N GLY B 15 9.08 8.09 -2.23
CA GLY B 15 9.10 9.54 -2.26
C GLY B 15 8.69 10.11 -3.62
N LEU B 16 9.18 9.46 -4.68
CA LEU B 16 8.87 9.88 -6.05
C LEU B 16 7.42 9.56 -6.43
N SER B 17 6.90 8.41 -6.03
CA SER B 17 5.48 8.13 -6.26
C SER B 17 4.61 9.19 -5.58
N ALA B 18 4.92 9.52 -4.34
CA ALA B 18 4.22 10.57 -3.62
C ALA B 18 4.29 11.88 -4.36
N ALA B 19 5.49 12.24 -4.78
CA ALA B 19 5.75 13.49 -5.54
C ALA B 19 4.89 13.66 -6.77
N VAL B 20 4.71 12.59 -7.52
CA VAL B 20 3.92 12.61 -8.73
C VAL B 20 2.48 12.97 -8.35
N TYR B 21 1.99 12.33 -7.30
CA TYR B 21 0.63 12.64 -6.86
C TYR B 21 0.48 14.07 -6.33
N THR B 22 1.40 14.51 -5.45
CA THR B 22 1.21 15.83 -4.84
C THR B 22 1.44 16.95 -5.87
N ALA B 23 2.42 16.79 -6.77
CA ALA B 23 2.62 17.82 -7.81
C ALA B 23 1.43 17.89 -8.76
N ARG B 24 0.89 16.73 -9.12
CA ARG B 24 -0.26 16.69 -10.02
C ARG B 24 -1.49 17.29 -9.36
N ALA B 25 -1.56 17.21 -8.03
CA ALA B 25 -2.67 17.83 -7.31
C ALA B 25 -2.52 19.35 -7.19
N GLY B 26 -1.42 19.89 -7.70
CA GLY B 26 -1.24 21.34 -7.71
C GLY B 26 -0.56 21.84 -6.44
N ILE B 27 0.08 20.93 -5.73
CA ILE B 27 0.79 21.31 -4.52
C ILE B 27 2.30 21.44 -4.79
N PRO B 28 2.87 22.64 -4.58
CA PRO B 28 4.31 22.85 -4.65
C PRO B 28 5.04 21.85 -3.78
N THR B 29 6.05 21.21 -4.36
CA THR B 29 6.60 20.01 -3.77
C THR B 29 8.10 20.00 -3.91
N LEU B 30 8.80 19.91 -2.77
CA LEU B 30 10.25 19.74 -2.74
C LEU B 30 10.55 18.29 -2.46
N VAL B 31 11.33 17.67 -3.33
CA VAL B 31 11.76 16.29 -3.10
C VAL B 31 13.24 16.26 -2.75
N PHE B 32 13.55 15.95 -1.51
CA PHE B 32 14.93 15.80 -1.08
C PHE B 32 15.34 14.35 -1.26
N GLY B 33 16.63 14.10 -1.46
CA GLY B 33 17.11 12.74 -1.63
C GLY B 33 18.12 12.57 -2.74
N SER B 34 18.99 11.59 -2.58
CA SER B 34 19.97 11.28 -3.61
C SER B 34 19.64 9.92 -4.17
N ALA B 35 20.44 9.44 -5.11
CA ALA B 35 20.20 8.13 -5.71
C ALA B 35 20.08 7.06 -4.62
N PRO B 36 18.98 6.30 -4.64
CA PRO B 36 18.83 5.21 -3.67
C PRO B 36 19.75 4.01 -3.94
N LYS B 37 19.86 3.14 -2.95
CA LYS B 37 20.75 1.98 -3.04
C LYS B 37 20.43 1.13 -4.26
N VAL B 38 19.14 1.06 -4.61
CA VAL B 38 18.71 0.26 -5.75
C VAL B 38 19.05 0.93 -7.11
N ALA B 39 19.51 2.18 -7.09
CA ALA B 39 19.65 2.89 -8.37
C ALA B 39 21.00 2.60 -9.07
N GLY B 40 21.40 1.33 -9.10
CA GLY B 40 22.52 0.89 -9.94
C GLY B 40 22.01 -0.06 -11.02
N ASP B 41 22.90 -0.80 -11.66
CA ASP B 41 22.46 -1.63 -12.78
C ASP B 41 22.12 -3.01 -12.29
N TYR B 42 21.01 -3.04 -11.56
CA TYR B 42 20.44 -4.23 -10.97
C TYR B 42 19.15 -4.53 -11.70
N ASP B 43 18.95 -5.79 -12.11
CA ASP B 43 17.76 -6.15 -12.86
C ASP B 43 16.48 -6.09 -11.99
N ILE B 44 15.50 -5.32 -12.42
CA ILE B 44 14.14 -5.28 -11.79
C ILE B 44 13.17 -5.99 -12.71
N ASP B 45 12.65 -7.14 -12.29
CA ASP B 45 11.79 -7.94 -13.15
C ASP B 45 10.40 -8.10 -12.59
N ASN B 46 10.19 -7.65 -11.35
CA ASN B 46 8.94 -7.96 -10.66
C ASN B 46 8.08 -6.74 -10.35
N TYR B 47 8.38 -5.62 -10.97
CA TYR B 47 7.57 -4.41 -10.77
C TYR B 47 6.54 -4.31 -11.90
N PHE B 48 5.26 -4.31 -11.53
CA PHE B 48 4.17 -4.39 -12.50
C PHE B 48 4.29 -3.33 -13.58
N GLY B 49 4.10 -3.74 -14.85
CA GLY B 49 4.13 -2.81 -15.95
C GLY B 49 5.38 -2.95 -16.82
N PHE B 50 6.37 -3.69 -16.32
CA PHE B 50 7.65 -3.86 -17.02
C PHE B 50 7.89 -5.33 -17.34
N ASP B 51 7.43 -5.75 -18.53
CA ASP B 51 7.50 -7.13 -18.93
C ASP B 51 8.91 -7.48 -19.45
N GLU B 52 9.71 -6.45 -19.67
CA GLU B 52 11.13 -6.61 -19.95
C GLU B 52 11.90 -6.04 -18.78
N THR B 53 13.06 -6.60 -18.51
CA THR B 53 13.89 -6.12 -17.42
C THR B 53 14.21 -4.64 -17.55
N ILE B 54 14.23 -3.96 -16.41
CA ILE B 54 14.66 -2.56 -16.38
C ILE B 54 15.61 -2.46 -15.20
N THR B 55 16.66 -1.67 -15.33
CA THR B 55 17.57 -1.50 -14.19
C THR B 55 16.96 -0.60 -13.14
N GLY B 56 17.35 -0.79 -11.89
CA GLY B 56 16.90 0.07 -10.81
C GLY B 56 17.29 1.49 -11.14
N ARG B 57 18.47 1.67 -11.76
CA ARG B 57 18.92 3.01 -12.10
C ARG B 57 18.01 3.67 -13.12
N GLU B 58 17.62 2.91 -14.12
CA GLU B 58 16.80 3.47 -15.17
C GLU B 58 15.36 3.69 -14.67
N LEU B 59 14.87 2.79 -13.84
CA LEU B 59 13.53 2.96 -13.26
C LEU B 59 13.44 4.24 -12.44
N ILE B 60 14.42 4.48 -11.59
CA ILE B 60 14.38 5.64 -10.70
C ILE B 60 14.55 6.92 -11.48
N GLU B 61 15.43 6.89 -12.48
CA GLU B 61 15.60 8.06 -13.33
C GLU B 61 14.28 8.45 -14.04
N ARG B 62 13.52 7.47 -14.52
CA ARG B 62 12.21 7.76 -15.12
C ARG B 62 11.22 8.36 -14.10
N GLY B 63 11.21 7.80 -12.89
CA GLY B 63 10.42 8.33 -11.78
C GLY B 63 10.78 9.78 -11.48
N ARG B 64 12.07 10.08 -11.54
CA ARG B 64 12.55 11.45 -11.34
C ARG B 64 12.01 12.39 -12.43
N ARG B 65 12.14 11.98 -13.70
CA ARG B 65 11.62 12.76 -14.80
C ARG B 65 10.09 12.95 -14.65
N GLN B 66 9.42 11.88 -14.22
CA GLN B 66 7.97 11.87 -14.05
C GLN B 66 7.51 12.92 -13.03
N ALA B 67 8.18 12.98 -11.88
CA ALA B 67 7.84 13.94 -10.85
C ALA B 67 8.07 15.37 -11.31
N GLU B 68 9.21 15.58 -11.97
CA GLU B 68 9.51 16.91 -12.51
C GLU B 68 8.51 17.35 -13.55
N ARG B 69 8.02 16.39 -14.33
CA ARG B 69 7.10 16.67 -15.42
C ARG B 69 5.87 17.40 -14.90
N PHE B 70 5.47 17.10 -13.66
CA PHE B 70 4.23 17.68 -13.11
C PHE B 70 4.49 18.79 -12.09
N GLY B 71 5.75 19.19 -11.96
CA GLY B 71 6.08 20.36 -11.17
C GLY B 71 6.95 20.19 -9.94
N ALA B 72 7.29 18.94 -9.58
CA ALA B 72 8.08 18.69 -8.37
C ALA B 72 9.52 19.23 -8.48
N VAL B 73 10.00 19.84 -7.40
CA VAL B 73 11.38 20.32 -7.40
C VAL B 73 12.31 19.24 -6.84
N LEU B 74 13.28 18.81 -7.64
CA LEU B 74 14.26 17.82 -7.16
C LEU B 74 15.45 18.55 -6.55
N ARG B 75 15.56 18.46 -5.23
CA ARG B 75 16.53 19.16 -4.41
C ARG B 75 17.84 18.37 -4.24
N ASP B 76 18.98 19.05 -4.27
CA ASP B 76 20.27 18.33 -4.22
C ASP B 76 20.85 18.34 -2.82
N ASP B 77 20.39 19.28 -1.99
CA ASP B 77 20.91 19.44 -0.63
C ASP B 77 20.33 18.39 0.32
N ARG B 78 21.21 17.79 1.11
CA ARG B 78 20.84 16.72 2.03
C ARG B 78 20.15 17.26 3.29
N ILE B 79 19.27 16.45 3.86
CA ILE B 79 18.53 16.86 5.06
C ILE B 79 19.35 16.48 6.30
N LEU B 80 19.49 17.43 7.22
CA LEU B 80 20.29 17.25 8.43
C LEU B 80 19.42 17.08 9.68
N GLY B 81 18.21 17.61 9.63
CA GLY B 81 17.31 17.53 10.76
C GLY B 81 15.92 18.03 10.47
N LEU B 82 14.95 17.50 11.19
CA LEU B 82 13.57 17.91 11.08
C LEU B 82 13.00 18.22 12.48
N HIS B 83 12.50 19.43 12.68
CA HIS B 83 11.92 19.78 13.97
C HIS B 83 10.55 20.42 13.87
N HIS B 84 9.81 20.40 14.98
CA HIS B 84 8.53 21.08 15.06
C HIS B 84 8.69 22.59 15.02
N GLY B 85 9.81 23.09 15.53
CA GLY B 85 10.04 24.50 15.82
C GLY B 85 9.38 25.56 14.95
N ASP B 86 9.32 26.80 15.47
CA ASP B 86 8.70 27.99 14.85
C ASP B 86 7.29 28.18 15.43
N ASP B 87 6.29 27.70 14.69
CA ASP B 87 4.91 27.75 15.13
C ASP B 87 4.02 26.75 14.37
N GLY B 88 4.21 26.67 13.06
CA GLY B 88 3.40 25.80 12.22
C GLY B 88 3.86 25.79 10.78
N GLY B 89 4.44 24.67 10.36
CA GLY B 89 4.46 23.47 11.17
C GLY B 89 5.85 22.92 11.48
N PHE B 90 6.71 22.81 10.47
CA PHE B 90 8.02 22.19 10.69
C PHE B 90 9.19 23.02 10.21
N ARG B 91 10.30 22.86 10.91
CA ARG B 91 11.56 23.49 10.56
C ARG B 91 12.45 22.43 9.89
N ILE B 92 12.90 22.73 8.67
CA ILE B 92 13.69 21.80 7.90
C ILE B 92 15.15 22.25 7.80
N THR B 93 16.06 21.46 8.36
CA THR B 93 17.48 21.79 8.27
C THR B 93 18.18 20.98 7.20
N THR B 94 18.67 21.69 6.18
CA THR B 94 19.48 21.07 5.14
C THR B 94 20.88 21.61 5.20
N GLU B 95 21.80 20.96 4.48
CA GLU B 95 23.17 21.44 4.40
C GLU B 95 23.30 22.80 3.73
N ALA B 96 22.26 23.23 3.01
CA ALA B 96 22.28 24.55 2.38
C ALA B 96 21.70 25.60 3.29
N GLY B 97 21.01 25.17 4.34
CA GLY B 97 20.40 26.11 5.25
C GLY B 97 19.08 25.61 5.81
N GLU B 98 18.20 26.54 6.15
CA GLU B 98 17.02 26.18 6.89
C GLU B 98 15.77 26.62 6.19
N THR B 99 14.74 25.77 6.23
CA THR B 99 13.50 26.18 5.65
C THR B 99 12.29 25.58 6.38
N ALA B 100 11.11 26.07 6.03
CA ALA B 100 9.91 25.72 6.78
C ALA B 100 8.87 25.04 5.89
N ALA B 101 8.13 24.12 6.47
CA ALA B 101 7.16 23.30 5.76
C ALA B 101 5.95 23.02 6.62
N CYS B 102 4.78 22.96 5.99
CA CYS B 102 3.54 22.63 6.69
C CYS B 102 3.35 21.11 6.84
N ALA B 103 3.83 20.33 5.88
CA ALA B 103 3.71 18.88 5.96
C ALA B 103 5.01 18.18 5.56
N ILE B 104 5.24 16.99 6.10
CA ILE B 104 6.41 16.20 5.76
C ILE B 104 6.03 14.78 5.40
N ILE B 105 6.46 14.32 4.23
CA ILE B 105 6.37 12.88 3.93
C ILE B 105 7.74 12.23 4.11
N LEU B 106 7.86 11.33 5.08
CA LEU B 106 9.13 10.65 5.31
C LEU B 106 9.23 9.41 4.44
N ALA B 107 10.21 9.37 3.55
CA ALA B 107 10.36 8.22 2.67
C ALA B 107 11.85 7.89 2.54
N THR B 108 12.48 7.72 3.69
CA THR B 108 13.93 7.76 3.78
C THR B 108 14.65 6.41 3.61
N GLY B 109 13.87 5.35 3.45
CA GLY B 109 14.43 4.06 3.11
C GLY B 109 14.90 3.36 4.38
N VAL B 110 15.50 2.19 4.18
CA VAL B 110 15.86 1.34 5.31
C VAL B 110 17.20 1.79 5.85
N SER B 111 17.31 1.94 7.16
CA SER B 111 18.47 2.65 7.68
C SER B 111 19.32 1.97 8.74
N ARG B 112 20.62 1.91 8.48
CA ARG B 112 21.62 1.70 9.54
C ARG B 112 23.07 1.81 9.03
N VAL B 113 23.83 2.65 9.74
CA VAL B 113 25.30 2.63 9.72
C VAL B 113 25.70 2.51 11.20
N ARG B 114 25.70 1.27 11.67
CA ARG B 114 26.04 0.90 13.06
C ARG B 114 27.49 1.21 13.43
N PRO B 115 27.74 1.67 14.67
CA PRO B 115 29.14 1.58 15.09
C PRO B 115 29.44 0.11 15.37
N GLY B 116 30.69 -0.25 15.58
CA GLY B 116 30.99 -1.64 15.88
C GLY B 116 31.27 -1.84 17.36
N ILE B 117 31.39 -0.73 18.08
CA ILE B 117 32.18 -0.71 19.31
C ILE B 117 31.59 -1.57 20.44
N SER B 118 32.45 -2.48 20.88
CA SER B 118 32.16 -3.58 21.81
C SER B 118 31.03 -3.38 22.81
N ASN B 119 31.17 -2.44 23.73
CA ASN B 119 30.20 -2.36 24.82
C ASN B 119 29.32 -1.11 24.81
N ILE B 120 28.91 -0.65 23.63
CA ILE B 120 28.10 0.55 23.54
C ILE B 120 26.70 0.34 24.13
N ALA B 121 26.22 -0.89 24.08
CA ALA B 121 24.90 -1.22 24.63
C ALA B 121 24.81 -1.01 26.14
N ASP B 122 25.93 -1.19 26.85
CA ASP B 122 25.91 -1.09 28.30
C ASP B 122 25.68 0.35 28.76
N TYR B 123 25.98 1.31 27.88
CA TYR B 123 25.93 2.71 28.30
C TYR B 123 24.71 3.43 27.71
N GLU B 124 23.81 2.61 27.15
CA GLU B 124 22.36 2.88 27.02
C GLU B 124 21.83 4.00 27.96
N GLY B 125 21.30 5.09 27.41
CA GLY B 125 20.78 6.14 28.29
C GLY B 125 21.61 6.56 29.52
N LYS B 126 22.86 6.10 29.55
CA LYS B 126 23.79 6.39 30.62
C LYS B 126 24.91 7.32 30.11
N GLY B 127 24.73 7.85 28.91
CA GLY B 127 25.76 8.68 28.31
C GLY B 127 25.83 8.60 26.79
N VAL B 128 25.46 7.44 26.24
CA VAL B 128 25.25 7.30 24.80
C VAL B 128 23.87 7.82 24.42
N SER B 129 23.83 8.83 23.56
CA SER B 129 22.57 9.48 23.19
C SER B 129 22.42 9.55 21.67
N TYR B 130 21.17 9.59 21.19
CA TYR B 130 20.91 9.64 19.75
C TYR B 130 20.15 10.88 19.33
N CYS B 131 19.87 11.76 20.28
CA CYS B 131 19.08 12.94 19.96
C CYS B 131 19.52 14.16 20.76
N VAL B 132 20.14 15.11 20.07
CA VAL B 132 20.64 16.33 20.69
C VAL B 132 19.50 17.22 21.20
N SER B 133 18.47 17.40 20.38
CA SER B 133 17.32 18.22 20.76
C SER B 133 16.56 17.67 21.99
N CYS B 134 16.79 16.39 22.29
CA CYS B 134 16.10 15.68 23.37
C CYS B 134 16.97 15.54 24.63
N ASP B 135 18.21 15.13 24.43
CA ASP B 135 19.10 14.83 25.53
C ASP B 135 20.15 15.91 25.80
N GLY B 136 20.31 16.84 24.87
CA GLY B 136 21.25 17.94 25.00
C GLY B 136 21.35 18.59 26.39
N PHE B 137 20.20 18.87 27.00
CA PHE B 137 20.15 19.61 28.26
C PHE B 137 20.74 18.77 29.41
N PHE B 138 20.59 17.46 29.34
CA PHE B 138 21.22 16.61 30.34
C PHE B 138 22.74 16.75 30.40
N TYR B 139 23.29 17.43 29.40
CA TYR B 139 24.72 17.44 29.24
C TYR B 139 25.32 18.85 29.28
N ARG B 140 24.50 19.84 29.66
CA ARG B 140 24.94 21.23 29.84
C ARG B 140 26.22 21.43 30.62
N GLY B 141 27.27 21.84 29.90
CA GLY B 141 28.53 22.23 30.53
C GLY B 141 29.48 21.08 30.54
N LEU B 142 29.04 19.94 30.02
CA LEU B 142 29.82 18.72 30.13
C LEU B 142 30.67 18.54 28.86
N ARG B 143 31.62 17.63 28.91
CA ARG B 143 32.46 17.31 27.78
C ARG B 143 31.80 16.23 26.93
N VAL B 144 31.38 16.60 25.73
CA VAL B 144 30.65 15.68 24.86
C VAL B 144 31.35 15.40 23.54
N LYS B 145 31.31 14.13 23.15
CA LYS B 145 31.91 13.64 21.92
C LYS B 145 30.83 13.21 20.94
N VAL B 146 30.90 13.72 19.71
CA VAL B 146 30.01 13.29 18.63
C VAL B 146 30.73 12.25 17.79
N LEU B 147 30.10 11.09 17.61
CA LEU B 147 30.67 10.00 16.81
C LEU B 147 30.07 9.99 15.41
N GLY B 148 30.90 10.26 14.42
CA GLY B 148 30.41 10.36 13.05
C GLY B 148 31.37 11.14 12.19
N GLU B 149 31.19 11.04 10.87
CA GLU B 149 32.21 11.51 9.93
C GLU B 149 31.71 12.59 8.96
N GLY B 150 30.39 12.80 8.89
CA GLY B 150 29.82 13.64 7.86
C GLY B 150 29.27 14.99 8.30
N VAL B 151 28.60 15.67 7.36
CA VAL B 151 27.97 16.96 7.68
C VAL B 151 26.90 16.76 8.74
N PHE B 152 26.34 15.56 8.82
CA PHE B 152 25.36 15.26 9.87
C PHE B 152 26.07 15.40 11.23
N ALA B 153 27.21 14.73 11.38
CA ALA B 153 28.00 14.83 12.61
C ALA B 153 28.32 16.27 12.95
N ALA B 154 28.78 17.01 11.94
CA ALA B 154 29.14 18.41 12.10
C ALA B 154 27.97 19.23 12.59
N ASN B 155 26.81 19.02 12.00
CA ASN B 155 25.62 19.77 12.38
C ASN B 155 25.21 19.47 13.82
N GLN B 156 25.36 18.22 14.21
CA GLN B 156 25.00 17.82 15.58
C GLN B 156 25.93 18.53 16.56
N ALA B 157 27.23 18.44 16.27
CA ALA B 157 28.27 19.11 17.07
C ALA B 157 28.01 20.61 17.24
N LEU B 158 27.48 21.25 16.21
CA LEU B 158 27.16 22.67 16.29
C LEU B 158 25.87 22.91 17.09
N GLU B 159 24.94 21.97 16.98
CA GLU B 159 23.70 22.04 17.77
C GLU B 159 23.99 21.94 19.26
N LEU B 160 24.97 21.12 19.61
CA LEU B 160 25.29 20.90 21.01
C LEU B 160 25.84 22.15 21.68
N LEU B 161 26.33 23.09 20.88
CA LEU B 161 26.93 24.33 21.40
C LEU B 161 25.91 25.16 22.15
N HIS B 162 24.65 24.84 21.94
CA HIS B 162 23.57 25.46 22.67
C HIS B 162 23.55 25.00 24.13
N TYR B 163 24.25 23.89 24.42
CA TYR B 163 24.23 23.30 25.74
C TYR B 163 25.59 23.27 26.43
N THR B 164 26.66 23.18 25.63
CA THR B 164 28.01 23.09 26.17
C THR B 164 29.01 23.54 25.10
N PRO B 165 30.04 24.30 25.52
CA PRO B 165 31.09 24.72 24.58
C PRO B 165 32.09 23.60 24.34
N HIS B 166 32.04 22.58 25.19
CA HIS B 166 33.02 21.52 25.14
C HIS B 166 32.58 20.37 24.26
N VAL B 167 32.71 20.56 22.94
CA VAL B 167 32.30 19.55 21.96
C VAL B 167 33.44 19.21 21.01
N SER B 168 33.67 17.91 20.80
CA SER B 168 34.60 17.51 19.75
C SER B 168 33.98 16.38 18.93
N ILE B 169 34.65 16.00 17.84
CA ILE B 169 34.11 14.98 16.95
C ILE B 169 35.11 13.86 16.69
N CYS B 170 34.65 12.62 16.76
CA CYS B 170 35.45 11.45 16.42
C CYS B 170 34.83 10.73 15.20
N THR B 171 35.58 10.56 14.11
CA THR B 171 35.00 9.96 12.90
C THR B 171 35.07 8.43 12.91
N GLN B 172 35.38 7.86 14.07
CA GLN B 172 35.48 6.41 14.24
C GLN B 172 36.40 5.82 13.18
N GLY B 173 35.82 5.06 12.24
CA GLY B 173 36.52 4.56 11.05
C GLY B 173 37.74 5.37 10.62
N LYS B 174 37.73 6.30 9.66
CA LYS B 174 36.78 6.63 8.54
C LYS B 174 37.07 8.05 8.11
N ALA B 175 37.32 8.25 6.82
CA ALA B 175 37.64 9.58 6.32
C ALA B 175 36.47 10.53 6.52
N ALA B 176 36.78 11.73 6.98
CA ALA B 176 35.78 12.76 7.16
C ALA B 176 35.24 13.17 5.79
N SER B 177 33.93 13.41 5.75
CA SER B 177 33.28 13.91 4.56
C SER B 177 32.58 15.19 4.90
N ILE B 178 33.18 15.99 5.77
CA ILE B 178 32.58 17.26 6.15
C ILE B 178 32.99 18.32 5.14
N THR B 179 32.01 19.03 4.58
CA THR B 179 32.28 20.02 3.55
C THR B 179 32.98 21.26 4.14
N PRO B 180 33.80 21.94 3.33
CA PRO B 180 34.57 23.09 3.83
C PRO B 180 33.79 24.16 4.59
N GLU B 181 32.56 24.47 4.17
CA GLU B 181 31.78 25.48 4.88
C GLU B 181 31.39 24.99 6.28
N PHE B 182 31.29 23.68 6.46
CA PHE B 182 30.99 23.14 7.78
C PHE B 182 32.29 23.04 8.59
N MET B 183 33.39 22.70 7.92
CA MET B 183 34.70 22.69 8.59
C MET B 183 35.03 24.06 9.16
N THR B 184 34.61 25.10 8.45
CA THR B 184 34.92 26.46 8.86
C THR B 184 34.15 26.81 10.11
N ARG B 185 32.87 26.46 10.13
CA ARG B 185 32.02 26.69 11.29
C ARG B 185 32.58 25.95 12.51
N LEU B 186 33.04 24.73 12.30
CA LEU B 186 33.65 23.94 13.35
C LEU B 186 34.95 24.56 13.86
N ASP B 187 35.79 25.08 12.97
CA ASP B 187 37.06 25.68 13.39
C ASP B 187 36.83 26.90 14.25
N GLU B 188 35.91 27.76 13.84
CA GLU B 188 35.57 29.00 14.55
C GLU B 188 34.94 28.74 15.92
N ALA B 189 34.32 27.57 16.08
CA ALA B 189 33.64 27.21 17.31
C ALA B 189 34.54 26.36 18.19
N GLY B 190 35.75 26.11 17.73
CA GLY B 190 36.70 25.34 18.50
C GLY B 190 36.30 23.88 18.62
N ILE B 191 35.58 23.38 17.64
CA ILE B 191 35.25 21.96 17.62
C ILE B 191 36.26 21.17 16.77
N ALA B 192 37.04 20.33 17.44
CA ALA B 192 38.07 19.53 16.80
C ALA B 192 37.56 18.23 16.18
N VAL B 193 38.23 17.78 15.13
CA VAL B 193 37.87 16.56 14.43
C VAL B 193 39.06 15.63 14.33
N ASP B 194 38.93 14.39 14.79
CA ASP B 194 40.00 13.43 14.56
C ASP B 194 39.43 12.05 14.19
N ASP B 195 40.25 11.24 13.53
CA ASP B 195 39.80 9.93 13.05
C ASP B 195 40.20 8.78 13.96
N ARG B 196 40.42 9.05 15.24
CA ARG B 196 40.65 7.97 16.19
C ARG B 196 39.45 7.02 16.17
N LYS B 197 39.67 5.76 16.56
CA LYS B 197 38.61 4.77 16.61
C LYS B 197 38.36 4.32 18.04
N ILE B 198 37.16 4.55 18.56
CA ILE B 198 36.81 4.13 19.91
C ILE B 198 36.73 2.60 19.99
N ALA B 199 37.33 2.03 21.04
CA ALA B 199 37.34 0.58 21.22
C ALA B 199 36.33 0.17 22.27
N SER B 200 36.14 1.02 23.28
CA SER B 200 35.29 0.70 24.42
C SER B 200 35.07 1.94 25.28
N LEU B 201 34.05 1.87 26.13
CA LEU B 201 33.68 2.97 27.02
C LEU B 201 33.94 2.58 28.50
N GLU B 202 34.04 3.59 29.38
CA GLU B 202 34.30 3.44 30.83
C GLU B 202 33.64 4.64 31.53
N GLY B 203 33.22 4.55 32.80
CA GLY B 203 33.18 3.34 33.61
C GLY B 203 31.84 3.21 34.33
N THR B 204 31.81 3.56 35.61
CA THR B 204 30.63 3.37 36.47
C THR B 204 30.36 4.59 37.36
N PRO B 205 29.09 5.00 37.49
CA PRO B 205 27.83 4.39 37.01
C PRO B 205 27.51 4.69 35.53
N ALA B 206 28.01 5.82 35.05
CA ALA B 206 27.73 6.26 33.69
C ALA B 206 29.04 6.53 32.94
N LEU B 207 28.92 6.99 31.70
CA LEU B 207 30.06 7.26 30.83
C LEU B 207 30.97 8.36 31.39
N SER B 208 32.27 8.12 31.36
CA SER B 208 33.21 9.15 31.76
C SER B 208 34.50 9.12 30.91
N VAL B 209 34.79 7.99 30.27
CA VAL B 209 36.05 7.80 29.57
C VAL B 209 35.94 6.95 28.29
N LEU B 210 36.51 7.48 27.21
CA LEU B 210 36.54 6.75 25.94
C LEU B 210 37.89 6.11 25.81
N ARG B 211 37.93 4.84 25.44
CA ARG B 211 39.21 4.19 25.24
C ARG B 211 39.35 3.84 23.78
N TYR B 212 40.41 4.37 23.18
CA TYR B 212 40.61 4.21 21.77
C TYR B 212 41.38 2.92 21.52
N GLU B 213 41.48 2.53 20.26
CA GLU B 213 42.04 1.22 19.93
C GLU B 213 43.56 1.21 20.04
N ASP B 214 44.15 2.40 20.23
CA ASP B 214 45.60 2.54 20.32
C ASP B 214 46.03 2.56 21.79
N GLY B 215 45.06 2.61 22.69
CA GLY B 215 45.34 2.53 24.12
C GLY B 215 45.12 3.86 24.79
N SER B 216 45.11 4.92 23.99
CA SER B 216 44.88 6.27 24.51
C SER B 216 43.45 6.42 25.02
N THR B 217 43.22 7.40 25.89
CA THR B 217 41.89 7.58 26.43
C THR B 217 41.59 9.07 26.51
N GLU B 218 40.32 9.40 26.62
CA GLU B 218 39.87 10.78 26.69
C GLU B 218 38.71 10.84 27.64
N GLU B 219 38.47 12.01 28.23
CA GLU B 219 37.32 12.19 29.10
C GLU B 219 36.14 12.72 28.31
N ALA B 220 35.01 12.04 28.43
CA ALA B 220 33.76 12.52 27.87
C ALA B 220 32.62 11.95 28.69
N GLN B 221 31.72 12.81 29.15
CA GLN B 221 30.56 12.34 29.86
C GLN B 221 29.45 11.99 28.87
N GLY B 222 29.60 12.45 27.62
CA GLY B 222 28.55 12.23 26.63
C GLY B 222 29.01 11.86 25.23
N LEU B 223 28.44 10.78 24.70
CA LEU B 223 28.77 10.33 23.35
C LEU B 223 27.53 10.30 22.43
N PHE B 224 27.43 11.27 21.51
CA PHE B 224 26.28 11.39 20.61
C PHE B 224 26.55 10.72 19.27
N ILE B 225 25.74 9.72 18.94
CA ILE B 225 25.96 8.95 17.71
C ILE B 225 25.32 9.69 16.52
N ALA B 226 26.12 9.86 15.46
CA ALA B 226 25.69 10.63 14.29
C ALA B 226 26.51 10.21 13.09
N MET B 227 26.42 8.92 12.76
CA MET B 227 27.19 8.35 11.66
C MET B 227 26.43 8.43 10.34
N GLY B 228 27.16 8.56 9.24
CA GLY B 228 26.57 8.61 7.92
C GLY B 228 25.63 9.79 7.76
N GLU B 229 24.47 9.54 7.17
CA GLU B 229 23.52 10.61 6.97
C GLU B 229 22.41 10.52 8.01
N ALA B 230 21.81 11.67 8.32
CA ALA B 230 20.57 11.71 9.08
C ALA B 230 19.58 10.73 8.49
N SER B 231 18.97 9.92 9.34
CA SER B 231 18.14 8.83 8.90
C SER B 231 16.78 8.86 9.56
N SER B 232 15.97 7.86 9.23
CA SER B 232 14.58 7.88 9.62
C SER B 232 14.45 7.89 11.14
N LEU B 233 15.27 7.10 11.81
CA LEU B 233 15.27 7.07 13.27
C LEU B 233 15.65 8.44 13.87
N ASP B 234 16.70 9.05 13.34
CA ASP B 234 17.09 10.40 13.74
C ASP B 234 15.96 11.41 13.66
N PHE B 235 15.21 11.34 12.56
CA PHE B 235 14.07 12.22 12.33
C PHE B 235 12.93 11.90 13.29
N ALA B 236 12.74 10.62 13.54
CA ALA B 236 11.67 10.16 14.45
C ALA B 236 11.83 10.78 15.84
N TYR B 237 13.05 10.77 16.37
CA TYR B 237 13.33 11.27 17.72
C TYR B 237 13.03 12.76 17.85
N THR B 238 13.47 13.55 16.88
CA THR B 238 13.25 14.99 16.97
C THR B 238 11.81 15.37 16.72
N LEU B 239 11.11 14.55 15.95
CA LEU B 239 9.73 14.88 15.60
C LEU B 239 8.72 14.27 16.59
N GLY B 240 9.12 13.22 17.31
CA GLY B 240 8.24 12.55 18.25
C GLY B 240 7.49 11.42 17.57
N VAL B 241 7.95 11.02 16.39
CA VAL B 241 7.30 9.96 15.64
C VAL B 241 7.51 8.62 16.29
N GLU B 242 6.44 7.87 16.47
CA GLU B 242 6.52 6.58 17.13
C GLU B 242 7.12 5.52 16.22
N ARG B 243 8.01 4.73 16.79
CA ARG B 243 8.66 3.64 16.09
C ARG B 243 7.90 2.33 16.24
N ASN B 244 8.35 1.37 15.46
CA ASN B 244 7.84 0.02 15.42
C ASN B 244 9.06 -0.86 15.20
N GLY B 245 9.75 -1.14 16.29
CA GLY B 245 11.09 -1.68 16.22
C GLY B 245 12.03 -0.64 15.64
N VAL B 246 12.75 -1.04 14.60
CA VAL B 246 13.67 -0.17 13.86
C VAL B 246 12.93 0.72 12.84
N PHE B 247 11.65 0.48 12.64
CA PHE B 247 10.87 1.18 11.60
C PHE B 247 9.98 2.30 12.11
N LEU B 248 9.52 3.16 11.20
CA LEU B 248 8.54 4.19 11.55
C LEU B 248 7.13 3.57 11.62
N GLY B 249 6.35 3.98 12.61
CA GLY B 249 4.98 3.48 12.69
C GLY B 249 4.11 4.27 11.71
N ALA B 250 3.24 3.56 10.99
CA ALA B 250 2.29 4.26 10.12
C ALA B 250 1.00 3.44 10.02
N ASP B 251 -0.16 4.10 9.97
CA ASP B 251 -1.40 3.36 9.78
C ASP B 251 -1.62 3.07 8.30
N SER B 252 -2.78 2.51 7.95
CA SER B 252 -3.05 2.12 6.57
C SER B 252 -3.15 3.30 5.60
N ASP B 253 -3.19 4.51 6.13
CA ASP B 253 -3.16 5.71 5.30
C ASP B 253 -1.80 6.43 5.39
N GLN B 254 -0.82 5.72 5.93
CA GLN B 254 0.57 6.21 6.03
C GLN B 254 0.68 7.42 6.94
N ARG B 255 -0.27 7.56 7.87
CA ARG B 255 -0.16 8.61 8.88
C ARG B 255 0.64 8.11 10.07
N THR B 256 1.47 8.99 10.63
CA THR B 256 2.14 8.70 11.91
C THR B 256 1.30 9.28 13.03
N ASN B 257 1.80 9.22 14.26
CA ASN B 257 1.10 9.80 15.41
C ASN B 257 1.28 11.31 15.47
N ILE B 258 2.20 11.83 14.65
CA ILE B 258 2.42 13.27 14.59
C ILE B 258 1.60 13.85 13.46
N PRO B 259 0.77 14.88 13.77
CA PRO B 259 -0.02 15.48 12.70
C PRO B 259 0.85 16.17 11.63
N GLY B 260 0.56 15.87 10.36
CA GLY B 260 1.31 16.50 9.27
C GLY B 260 2.61 15.77 8.92
N VAL B 261 2.92 14.71 9.65
CA VAL B 261 4.03 13.84 9.29
C VAL B 261 3.50 12.52 8.79
N PHE B 262 3.92 12.12 7.59
CA PHE B 262 3.51 10.84 7.00
C PHE B 262 4.74 9.97 6.73
N ALA B 263 4.55 8.67 6.57
CA ALA B 263 5.68 7.78 6.33
C ALA B 263 5.30 6.69 5.35
N ALA B 264 6.26 6.34 4.50
CA ALA B 264 6.04 5.41 3.39
C ALA B 264 7.34 4.77 2.88
N GLY B 265 7.23 3.55 2.38
CA GLY B 265 8.32 2.85 1.77
C GLY B 265 9.03 1.99 2.81
N ASP B 266 10.30 1.72 2.52
CA ASP B 266 11.16 0.88 3.36
C ASP B 266 11.21 1.34 4.81
N CYS B 267 11.16 2.65 5.04
CA CYS B 267 11.31 3.18 6.39
C CYS B 267 10.15 2.75 7.34
N THR B 268 9.06 2.21 6.80
CA THR B 268 7.98 1.68 7.65
C THR B 268 8.06 0.17 7.77
N GLY B 269 9.07 -0.43 7.17
CA GLY B 269 9.23 -1.87 7.28
C GLY B 269 8.27 -2.61 6.38
N GLY B 270 8.00 -3.88 6.72
CA GLY B 270 7.15 -4.72 5.92
C GLY B 270 7.86 -5.33 4.72
N PHE B 271 7.11 -5.51 3.61
CA PHE B 271 7.66 -6.14 2.40
C PHE B 271 8.49 -5.09 1.64
N LEU B 272 9.81 -5.23 1.72
CA LEU B 272 10.73 -4.22 1.21
C LEU B 272 10.90 -4.33 -0.31
N GLN B 273 9.90 -3.82 -1.05
CA GLN B 273 9.84 -3.93 -2.51
C GLN B 273 9.40 -2.59 -3.12
N ILE B 274 9.74 -2.42 -4.40
CA ILE B 274 9.32 -1.24 -5.14
C ILE B 274 7.80 -1.12 -5.22
N ALA B 275 7.13 -2.19 -5.63
CA ALA B 275 5.67 -2.16 -5.72
C ALA B 275 5.03 -1.68 -4.42
N VAL B 276 5.56 -2.15 -3.30
CA VAL B 276 4.98 -1.80 -2.02
C VAL B 276 5.22 -0.32 -1.74
N ALA B 277 6.45 0.13 -1.98
CA ALA B 277 6.84 1.52 -1.75
C ALA B 277 5.99 2.47 -2.61
N VAL B 278 5.75 2.07 -3.84
CA VAL B 278 5.03 2.88 -4.77
C VAL B 278 3.55 3.04 -4.29
N GLY B 279 2.97 1.97 -3.78
CA GLY B 279 1.62 2.02 -3.22
C GLY B 279 1.57 2.89 -1.97
N GLU B 280 2.55 2.70 -1.08
CA GLU B 280 2.58 3.55 0.11
C GLU B 280 2.80 5.02 -0.22
N GLY B 281 3.63 5.34 -1.20
CA GLY B 281 3.84 6.73 -1.56
C GLY B 281 2.57 7.40 -2.05
N ALA B 282 1.79 6.68 -2.84
CA ALA B 282 0.51 7.21 -3.32
C ALA B 282 -0.46 7.46 -2.12
N LYS B 283 -0.58 6.49 -1.22
CA LYS B 283 -1.41 6.63 -0.02
C LYS B 283 -0.98 7.81 0.82
N ALA B 284 0.32 7.95 1.01
CA ALA B 284 0.84 9.07 1.80
C ALA B 284 0.53 10.38 1.10
N ALA B 285 0.56 10.39 -0.23
CA ALA B 285 0.22 11.61 -0.93
C ALA B 285 -1.26 11.99 -0.73
N ARG B 286 -2.18 11.03 -0.83
CA ARG B 286 -3.59 11.34 -0.62
C ARG B 286 -3.78 11.97 0.77
N ALA B 287 -3.15 11.36 1.76
CA ALA B 287 -3.22 11.83 3.14
C ALA B 287 -2.68 13.24 3.28
N ALA B 288 -1.52 13.47 2.69
CA ALA B 288 -0.89 14.79 2.75
C ALA B 288 -1.68 15.88 2.06
N ILE B 289 -2.23 15.57 0.89
CA ILE B 289 -3.03 16.52 0.17
C ILE B 289 -4.26 16.93 1.03
N SER B 290 -4.88 15.95 1.70
CA SER B 290 -6.08 16.25 2.51
C SER B 290 -5.70 17.11 3.71
N TYR B 291 -4.62 16.72 4.39
CA TYR B 291 -4.10 17.49 5.51
C TYR B 291 -3.79 18.91 5.11
N ILE B 292 -3.17 19.08 3.95
CA ILE B 292 -2.79 20.42 3.50
C ILE B 292 -4.05 21.26 3.19
N LYS B 293 -5.08 20.62 2.65
CA LYS B 293 -6.36 21.30 2.38
C LYS B 293 -6.98 21.81 3.69
N GLU B 294 -6.92 20.98 4.73
CA GLU B 294 -7.48 21.27 6.05
C GLU B 294 -6.69 22.29 6.86
N GLU B 295 -5.36 22.23 6.80
CA GLU B 295 -4.52 22.91 7.79
C GLU B 295 -3.66 24.08 7.29
N CYS B 296 -3.29 24.09 6.01
CA CYS B 296 -2.38 25.12 5.54
C CYS B 296 -2.68 25.64 4.14
N PRO B 297 -3.21 26.89 4.09
CA PRO B 297 -3.76 27.55 2.91
C PRO B 297 -2.80 27.65 1.74
N PHE B 298 -3.15 27.00 0.63
CA PHE B 298 -2.45 27.23 -0.62
C PHE B 298 -3.39 27.16 -1.83
N ALA B 299 -3.58 28.21 -2.60
CA ALA B 299 -2.86 29.43 -2.49
C ALA B 299 -3.19 30.01 -3.85
N THR B 300 -2.24 30.01 -4.77
CA THR B 300 -2.48 30.31 -6.19
C THR B 300 -3.54 31.38 -6.46
#